data_6JCH
#
_entry.id   6JCH
#
_cell.length_a   41.382
_cell.length_b   63.523
_cell.length_c   130.245
_cell.angle_alpha   90.00
_cell.angle_beta   90.00
_cell.angle_gamma   90.00
#
_symmetry.space_group_name_H-M   'P 21 21 21'
#
loop_
_entity.id
_entity.type
_entity.pdbx_description
1 polymer 'Pilus assembly protein'
2 non-polymer 'SODIUM ION'
3 water water
#
_entity_poly.entity_id   1
_entity_poly.type   'polypeptide(L)'
_entity_poly.pdbx_seq_one_letter_code
;MGRDPNSDQTAEIVIHKRIYRDIRQPEDVWYENDGHRIDPNNPDKDGYKLLSKTSGLNGANFEVYDASSLLKPNMTPEAI
RALVDRYQNMTRKQALKFARANLKLAGQGNKGIGLMNTKNDPTLGEDGISRITVSVDQQAPTKAYLMIEVAPDPSTELNV
DLERKSSPMLVVFPVTDPISGNPLQTIHLYPKNVGYVRDPYFFKFGVHPDGTSKRLAGAIFAIYRIENGKKLYLDMSPVT
DLRNKWVSTTDPLHDDRVNKFVSDQDGLVNTGERFLPAGEYFFEELQGVPGYEVDAKSRAIKIEIPDSWEDEDGNRRFVL
IDGQPMQENFGGVVTPEMISSGYPRVYNYADKQASTTGDQTAGPSTTQLGNHGQDTNGTGTRTPKRQSGYLPLEHHHHHH
;
_entity_poly.pdbx_strand_id   A
#
loop_
_chem_comp.id
_chem_comp.type
_chem_comp.name
_chem_comp.formula
NA non-polymer 'SODIUM ION' 'Na 1'
#
# COMPACT_ATOMS: atom_id res chain seq x y z
N ASP A 8 -38.28 1.58 9.01
CA ASP A 8 -38.43 2.77 8.17
C ASP A 8 -37.35 2.83 7.09
N GLN A 9 -36.48 3.84 7.17
CA GLN A 9 -35.53 4.12 6.11
C GLN A 9 -34.16 3.56 6.45
N THR A 10 -33.42 3.18 5.40
CA THR A 10 -32.09 2.64 5.56
C THR A 10 -31.11 3.37 4.66
N ALA A 11 -29.83 3.25 5.00
CA ALA A 11 -28.75 3.73 4.16
C ALA A 11 -27.66 2.67 4.16
N GLU A 12 -26.75 2.80 3.22
CA GLU A 12 -25.67 1.86 3.05
C GLU A 12 -24.35 2.55 3.38
N ILE A 13 -23.55 1.91 4.21
CA ILE A 13 -22.19 2.36 4.47
C ILE A 13 -21.27 1.37 3.78
N VAL A 14 -20.39 1.88 2.93
CA VAL A 14 -19.50 1.06 2.13
C VAL A 14 -18.08 1.38 2.55
N ILE A 15 -17.42 0.39 3.15
CA ILE A 15 -16.01 0.50 3.46
C ILE A 15 -15.21 0.09 2.25
N HIS A 16 -14.27 0.95 1.84
CA HIS A 16 -13.27 0.63 0.84
C HIS A 16 -11.95 0.59 1.58
N LYS A 17 -11.52 -0.62 1.97
CA LYS A 17 -10.26 -0.79 2.67
C LYS A 17 -9.15 -0.95 1.64
N ARG A 18 -8.22 -0.01 1.63
CA ARG A 18 -7.12 -0.02 0.68
C ARG A 18 -5.81 0.18 1.44
N ILE A 19 -4.72 0.02 0.70
CA ILE A 19 -3.37 0.17 1.23
C ILE A 19 -2.72 1.35 0.52
N TYR A 20 -2.10 2.23 1.30
CA TYR A 20 -1.44 3.42 0.81
C TYR A 20 0.03 3.38 1.19
N ARG A 21 0.86 4.11 0.44
CA ARG A 21 2.25 4.31 0.82
C ARG A 21 2.41 5.72 1.37
N ASP A 22 3.14 5.85 2.48
CA ASP A 22 3.29 7.14 3.13
C ASP A 22 4.23 8.02 2.33
N ILE A 23 3.72 9.16 1.88
CA ILE A 23 4.43 10.09 1.02
C ILE A 23 4.94 9.36 -0.22
N ILE A 38 -6.99 12.73 8.92
CA ILE A 38 -8.00 11.67 8.91
C ILE A 38 -9.38 12.20 8.54
N ASP A 39 -9.68 12.17 7.24
CA ASP A 39 -11.05 12.30 6.74
C ASP A 39 -11.41 10.95 6.14
N PRO A 40 -12.06 10.05 6.89
CA PRO A 40 -12.31 8.70 6.39
C PRO A 40 -13.21 8.66 5.16
N ASN A 41 -14.03 9.70 4.93
CA ASN A 41 -14.90 9.71 3.74
C ASN A 41 -14.15 10.06 2.46
N ASN A 42 -12.87 10.44 2.54
CA ASN A 42 -12.14 10.94 1.40
C ASN A 42 -11.20 9.86 0.89
N PRO A 43 -11.32 9.42 -0.37
CA PRO A 43 -10.35 8.44 -0.89
C PRO A 43 -8.98 9.03 -1.13
N ASP A 44 -8.86 10.35 -1.29
CA ASP A 44 -7.57 11.01 -1.37
C ASP A 44 -7.10 11.34 0.04
N LYS A 45 -5.85 11.02 0.34
CA LYS A 45 -5.27 11.26 1.66
C LYS A 45 -3.99 12.07 1.50
N ASP A 46 -3.94 13.23 2.16
CA ASP A 46 -2.74 14.06 2.11
C ASP A 46 -1.59 13.37 2.84
N GLY A 47 -0.41 13.37 2.22
CA GLY A 47 0.73 12.66 2.74
C GLY A 47 0.80 11.20 2.36
N TYR A 48 -0.13 10.70 1.55
CA TYR A 48 -0.16 9.30 1.18
C TYR A 48 -0.64 9.18 -0.26
N LYS A 49 -0.40 8.01 -0.85
CA LYS A 49 -0.87 7.69 -2.19
C LYS A 49 -1.16 6.19 -2.26
N LEU A 50 -2.20 5.83 -3.01
CA LEU A 50 -2.59 4.43 -3.12
C LEU A 50 -1.50 3.62 -3.81
N LEU A 51 -1.42 2.33 -3.45
CA LEU A 51 -0.35 1.47 -3.95
C LEU A 51 -0.61 0.95 -5.35
N SER A 52 -1.87 0.87 -5.78
CA SER A 52 -2.24 0.43 -7.12
C SER A 52 -3.75 0.58 -7.28
N LYS A 53 -4.23 0.36 -8.50
CA LYS A 53 -5.66 0.44 -8.79
C LYS A 53 -6.43 -0.74 -8.23
N THR A 54 -5.74 -1.83 -7.87
CA THR A 54 -6.37 -3.00 -7.27
C THR A 54 -5.74 -3.31 -5.91
N SER A 55 -5.39 -2.27 -5.16
CA SER A 55 -4.77 -2.44 -3.84
C SER A 55 -5.79 -2.46 -2.70
N GLY A 56 -7.00 -2.96 -2.97
CA GLY A 56 -7.94 -3.19 -1.91
C GLY A 56 -7.52 -4.34 -1.01
N LEU A 57 -7.82 -4.21 0.28
CA LEU A 57 -7.36 -5.13 1.30
C LEU A 57 -8.54 -5.97 1.77
N ASN A 58 -8.52 -7.25 1.42
CA ASN A 58 -9.53 -8.19 1.87
C ASN A 58 -9.14 -8.77 3.23
N GLY A 59 -10.14 -9.23 3.96
CA GLY A 59 -9.92 -9.87 5.24
C GLY A 59 -9.93 -8.94 6.43
N ALA A 60 -10.16 -7.64 6.22
CA ALA A 60 -10.27 -6.72 7.34
C ALA A 60 -11.65 -6.86 7.96
N ASN A 61 -11.72 -6.66 9.27
CA ASN A 61 -12.96 -6.88 9.99
C ASN A 61 -13.33 -5.64 10.77
N PHE A 62 -14.62 -5.31 10.76
CA PHE A 62 -15.13 -4.19 11.52
C PHE A 62 -16.33 -4.62 12.34
N GLU A 63 -16.46 -3.99 13.50
CA GLU A 63 -17.67 -4.07 14.31
C GLU A 63 -18.40 -2.75 14.23
N VAL A 64 -19.70 -2.80 14.07
CA VAL A 64 -20.52 -1.61 13.89
C VAL A 64 -21.58 -1.58 14.97
N TYR A 65 -21.64 -0.47 15.69
CA TYR A 65 -22.49 -0.32 16.85
C TYR A 65 -23.51 0.77 16.60
N ASP A 66 -24.73 0.55 17.09
CA ASP A 66 -25.71 1.62 17.09
C ASP A 66 -25.29 2.66 18.11
N ALA A 67 -24.91 3.83 17.62
CA ALA A 67 -24.40 4.91 18.46
C ALA A 67 -25.39 6.06 18.57
N SER A 68 -26.67 5.79 18.29
CA SER A 68 -27.66 6.85 18.36
C SER A 68 -27.74 7.44 19.75
N SER A 69 -27.47 6.63 20.77
CA SER A 69 -27.48 7.10 22.16
C SER A 69 -26.33 8.06 22.46
N LEU A 70 -25.36 8.20 21.56
CA LEU A 70 -24.36 9.24 21.74
C LEU A 70 -24.86 10.61 21.32
N LEU A 71 -25.99 10.68 20.64
CA LEU A 71 -26.53 11.91 20.12
C LEU A 71 -27.55 12.50 21.09
N LYS A 72 -27.74 13.80 20.99
CA LYS A 72 -28.79 14.48 21.70
C LYS A 72 -29.71 15.14 20.69
N PRO A 73 -31.01 15.27 21.00
CA PRO A 73 -31.91 15.96 20.07
C PRO A 73 -31.43 17.39 19.81
N ASN A 74 -31.67 17.83 18.58
CA ASN A 74 -31.40 19.22 18.17
C ASN A 74 -29.95 19.63 18.43
N MET A 75 -29.02 18.70 18.36
CA MET A 75 -27.63 19.09 18.53
C MET A 75 -27.13 19.81 17.28
N THR A 76 -26.16 20.71 17.47
CA THR A 76 -25.63 21.52 16.39
C THR A 76 -24.68 20.70 15.51
N PRO A 77 -24.45 21.14 14.27
CA PRO A 77 -23.38 20.53 13.48
C PRO A 77 -22.03 20.54 14.18
N GLU A 78 -21.73 21.62 14.92
CA GLU A 78 -20.47 21.70 15.65
C GLU A 78 -20.39 20.61 16.72
N ALA A 79 -21.49 20.37 17.42
CA ALA A 79 -21.51 19.33 18.44
C ALA A 79 -21.34 17.95 17.82
N ILE A 80 -21.94 17.73 16.65
CA ILE A 80 -21.78 16.45 15.97
C ILE A 80 -20.33 16.26 15.55
N ARG A 81 -19.75 17.30 14.94
CA ARG A 81 -18.34 17.22 14.55
C ARG A 81 -17.45 16.96 15.77
N ALA A 82 -17.73 17.63 16.89
CA ALA A 82 -16.94 17.40 18.09
C ALA A 82 -17.05 15.95 18.55
N LEU A 83 -18.25 15.38 18.47
CA LEU A 83 -18.44 13.99 18.85
C LEU A 83 -17.72 13.06 17.89
N VAL A 84 -17.87 13.29 16.59
CA VAL A 84 -17.15 12.48 15.59
C VAL A 84 -15.65 12.56 15.85
N ASP A 85 -15.14 13.76 16.13
CA ASP A 85 -13.72 13.93 16.38
C ASP A 85 -13.29 13.18 17.63
N ARG A 86 -14.10 13.22 18.69
CA ARG A 86 -13.76 12.51 19.91
C ARG A 86 -13.53 11.04 19.64
N TYR A 87 -14.44 10.41 18.89
CA TYR A 87 -14.29 8.99 18.64
C TYR A 87 -13.16 8.72 17.65
N GLN A 88 -13.01 9.56 16.62
CA GLN A 88 -11.90 9.38 15.69
C GLN A 88 -10.55 9.45 16.40
N ASN A 89 -10.46 10.20 17.49
CA ASN A 89 -9.19 10.39 18.16
C ASN A 89 -8.94 9.37 19.27
N MET A 90 -9.92 8.52 19.56
CA MET A 90 -9.67 7.36 20.40
C MET A 90 -8.89 6.33 19.61
N THR A 91 -8.07 5.56 20.32
CA THR A 91 -7.55 4.37 19.65
C THR A 91 -8.68 3.38 19.42
N ARG A 92 -8.45 2.45 18.51
CA ARG A 92 -9.46 1.42 18.30
C ARG A 92 -9.74 0.65 19.58
N LYS A 93 -8.70 0.34 20.35
CA LYS A 93 -8.91 -0.42 21.57
C LYS A 93 -9.70 0.39 22.59
N GLN A 94 -9.44 1.70 22.69
CA GLN A 94 -10.21 2.52 23.61
C GLN A 94 -11.66 2.58 23.17
N ALA A 95 -11.90 2.81 21.88
CA ALA A 95 -13.27 2.85 21.39
C ALA A 95 -13.97 1.52 21.57
N LEU A 96 -13.24 0.41 21.40
CA LEU A 96 -13.86 -0.90 21.62
C LEU A 96 -14.22 -1.09 23.08
N LYS A 97 -13.37 -0.62 24.00
CA LYS A 97 -13.73 -0.75 25.41
C LYS A 97 -15.05 -0.04 25.67
N PHE A 98 -15.21 1.14 25.08
CA PHE A 98 -16.46 1.84 25.26
C PHE A 98 -17.61 1.11 24.58
N ALA A 99 -17.44 0.78 23.29
CA ALA A 99 -18.55 0.29 22.50
C ALA A 99 -18.96 -1.12 22.93
N ARG A 100 -17.99 -2.00 23.16
CA ARG A 100 -18.33 -3.35 23.56
C ARG A 100 -19.13 -3.34 24.86
N ALA A 101 -18.75 -2.46 25.79
CA ALA A 101 -19.41 -2.44 27.09
C ALA A 101 -20.81 -1.84 27.00
N ASN A 102 -20.99 -0.83 26.16
CA ASN A 102 -22.17 0.03 26.30
C ASN A 102 -23.12 0.03 25.12
N LEU A 103 -22.65 -0.29 23.94
CA LEU A 103 -23.45 -0.24 22.74
C LEU A 103 -23.73 -1.65 22.23
N LYS A 104 -24.62 -1.72 21.26
CA LYS A 104 -25.04 -2.98 20.66
C LYS A 104 -24.67 -2.97 19.19
N LEU A 105 -24.26 -4.14 18.70
CA LEU A 105 -24.03 -4.31 17.28
C LEU A 105 -25.29 -3.96 16.51
N ALA A 106 -25.10 -3.36 15.34
CA ALA A 106 -26.25 -2.96 14.55
C ALA A 106 -25.87 -2.93 13.08
N GLY A 107 -26.86 -3.11 12.24
CA GLY A 107 -26.65 -3.01 10.81
C GLY A 107 -26.50 -4.38 10.19
N GLN A 108 -26.97 -4.51 8.96
CA GLN A 108 -26.89 -5.77 8.26
C GLN A 108 -25.57 -5.83 7.50
N GLY A 109 -24.59 -6.48 8.14
CA GLY A 109 -23.27 -6.66 7.55
C GLY A 109 -23.12 -8.03 6.94
N ASN A 110 -22.01 -8.22 6.22
CA ASN A 110 -21.87 -9.48 5.51
C ASN A 110 -21.48 -10.64 6.42
N LYS A 111 -21.01 -10.37 7.63
CA LYS A 111 -20.72 -11.41 8.61
C LYS A 111 -21.79 -11.56 9.67
N GLY A 112 -22.76 -10.66 9.72
CA GLY A 112 -23.74 -10.69 10.77
C GLY A 112 -24.20 -9.29 11.09
N ILE A 113 -25.04 -9.20 12.13
CA ILE A 113 -25.47 -7.89 12.60
C ILE A 113 -24.26 -7.17 13.13
N GLY A 114 -23.96 -6.00 12.55
CA GLY A 114 -22.85 -5.19 13.00
C GLY A 114 -21.48 -5.77 12.69
N LEU A 115 -21.38 -6.76 11.81
CA LEU A 115 -20.12 -7.44 11.56
C LEU A 115 -19.81 -7.36 10.08
N MET A 116 -18.63 -6.83 9.75
CA MET A 116 -18.24 -6.55 8.38
C MET A 116 -16.87 -7.16 8.11
N ASN A 117 -16.75 -7.86 7.00
CA ASN A 117 -15.48 -8.40 6.52
C ASN A 117 -15.25 -7.85 5.11
N THR A 118 -14.03 -7.38 4.83
CA THR A 118 -13.78 -6.83 3.51
C THR A 118 -13.49 -7.95 2.53
N LYS A 119 -14.13 -7.89 1.37
CA LYS A 119 -14.00 -8.92 0.35
C LYS A 119 -13.93 -8.25 -1.02
N ASN A 120 -13.69 -9.07 -2.04
CA ASN A 120 -13.85 -8.59 -3.40
C ASN A 120 -15.31 -8.30 -3.67
N ASP A 121 -15.56 -7.19 -4.37
CA ASP A 121 -16.90 -6.85 -4.81
C ASP A 121 -16.97 -7.16 -6.30
N PRO A 122 -17.61 -8.26 -6.71
CA PRO A 122 -17.61 -8.61 -8.14
C PRO A 122 -18.36 -7.60 -8.99
N THR A 123 -19.36 -6.93 -8.43
CA THR A 123 -20.05 -5.87 -9.17
C THR A 123 -19.10 -4.72 -9.47
N LEU A 124 -18.51 -4.12 -8.44
CA LEU A 124 -17.62 -2.99 -8.63
C LEU A 124 -16.26 -3.40 -9.15
N GLY A 125 -15.94 -4.70 -9.14
CA GLY A 125 -14.61 -5.14 -9.54
C GLY A 125 -13.52 -4.60 -8.65
N GLU A 126 -13.74 -4.59 -7.33
CA GLU A 126 -12.87 -3.91 -6.40
C GLU A 126 -12.66 -4.78 -5.17
N ASP A 127 -11.43 -4.83 -4.68
CA ASP A 127 -11.15 -5.53 -3.43
C ASP A 127 -11.30 -4.58 -2.24
N GLY A 128 -11.35 -5.16 -1.05
CA GLY A 128 -11.42 -4.38 0.18
C GLY A 128 -12.78 -3.81 0.50
N ILE A 129 -13.84 -4.34 -0.12
CA ILE A 129 -15.19 -3.78 0.00
C ILE A 129 -15.95 -4.51 1.08
N SER A 130 -16.69 -3.75 1.88
CA SER A 130 -17.66 -4.38 2.78
C SER A 130 -18.80 -3.38 2.94
N ARG A 131 -20.03 -3.87 2.81
CA ARG A 131 -21.20 -3.02 2.80
C ARG A 131 -22.12 -3.39 3.96
N ILE A 132 -22.67 -2.39 4.62
CA ILE A 132 -23.59 -2.62 5.72
C ILE A 132 -24.80 -1.72 5.53
N THR A 133 -25.98 -2.27 5.78
CA THR A 133 -27.24 -1.54 5.65
C THR A 133 -27.71 -1.18 7.05
N VAL A 134 -27.92 0.12 7.29
CA VAL A 134 -28.25 0.59 8.62
C VAL A 134 -29.52 1.42 8.59
N SER A 135 -30.27 1.38 9.69
CA SER A 135 -31.45 2.21 9.84
C SER A 135 -31.01 3.65 10.06
N VAL A 136 -31.63 4.59 9.35
CA VAL A 136 -31.20 5.98 9.41
C VAL A 136 -32.40 6.91 9.48
N ASP A 137 -32.14 8.13 9.96
CA ASP A 137 -33.12 9.21 9.98
C ASP A 137 -32.55 10.29 9.07
N GLN A 138 -33.10 10.43 7.87
CA GLN A 138 -32.55 11.38 6.93
C GLN A 138 -33.03 12.79 7.17
N GLN A 139 -33.96 12.99 8.11
CA GLN A 139 -34.53 14.31 8.36
C GLN A 139 -33.90 15.01 9.55
N ALA A 140 -33.26 14.29 10.46
CA ALA A 140 -32.67 14.88 11.65
C ALA A 140 -31.56 13.97 12.15
N PRO A 141 -30.53 14.52 12.80
CA PRO A 141 -29.42 13.66 13.28
C PRO A 141 -29.78 12.88 14.55
N THR A 142 -30.50 11.78 14.37
CA THR A 142 -30.91 10.94 15.48
C THR A 142 -30.39 9.51 15.39
N LYS A 143 -29.77 9.12 14.28
CA LYS A 143 -29.19 7.80 14.10
C LYS A 143 -27.71 7.95 13.77
N ALA A 144 -26.89 7.15 14.43
CA ALA A 144 -25.46 7.20 14.20
C ALA A 144 -24.91 5.80 14.43
N TYR A 145 -23.79 5.51 13.78
CA TYR A 145 -23.16 4.20 13.89
C TYR A 145 -21.67 4.40 14.13
N LEU A 146 -21.15 3.67 15.11
CA LEU A 146 -19.74 3.71 15.44
C LEU A 146 -19.09 2.46 14.86
N MET A 147 -18.15 2.65 13.94
CA MET A 147 -17.52 1.55 13.22
C MET A 147 -16.08 1.46 13.67
N ILE A 148 -15.67 0.27 14.12
CA ILE A 148 -14.32 0.08 14.64
C ILE A 148 -13.72 -1.17 14.05
N GLU A 149 -12.54 -1.03 13.46
CA GLU A 149 -11.83 -2.20 12.95
C GLU A 149 -11.35 -3.07 14.10
N VAL A 150 -11.42 -4.38 13.90
CA VAL A 150 -10.91 -5.36 14.85
C VAL A 150 -9.89 -6.22 14.11
N ALA A 151 -9.52 -7.36 14.69
CA ALA A 151 -8.41 -8.12 14.12
C ALA A 151 -8.75 -8.58 12.70
N PRO A 152 -7.79 -8.55 11.78
CA PRO A 152 -8.04 -9.10 10.45
C PRO A 152 -8.12 -10.62 10.50
N ASP A 153 -8.68 -11.20 9.44
CA ASP A 153 -8.69 -12.65 9.31
C ASP A 153 -7.26 -13.17 9.37
N PRO A 154 -7.00 -14.26 10.08
CA PRO A 154 -5.66 -14.87 10.06
C PRO A 154 -5.27 -15.28 8.65
N SER A 155 -3.99 -15.13 8.35
CA SER A 155 -3.44 -15.52 7.05
C SER A 155 -1.91 -15.55 7.06
N ASN A 159 0.62 -10.39 5.68
CA ASN A 159 1.02 -8.99 5.67
C ASN A 159 1.11 -8.46 7.10
N VAL A 160 2.04 -9.03 7.86
CA VAL A 160 2.27 -8.59 9.22
C VAL A 160 2.75 -7.15 9.27
N ASP A 161 3.44 -6.70 8.22
CA ASP A 161 4.15 -5.43 8.25
C ASP A 161 3.23 -4.25 8.02
N LEU A 162 2.03 -4.51 7.51
CA LEU A 162 1.08 -3.45 7.21
C LEU A 162 0.74 -2.65 8.46
N GLU A 163 0.72 -1.32 8.31
CA GLU A 163 0.26 -0.43 9.37
C GLU A 163 -1.23 -0.23 9.19
N ARG A 164 -2.03 -0.86 10.04
CA ARG A 164 -3.48 -0.71 9.98
C ARG A 164 -3.84 0.50 10.84
N LYS A 165 -4.06 1.64 10.19
CA LYS A 165 -4.22 2.92 10.89
C LYS A 165 -5.66 3.42 10.91
N SER A 166 -6.64 2.58 10.64
CA SER A 166 -8.01 3.03 10.70
C SER A 166 -8.35 3.55 12.10
N SER A 167 -9.29 4.47 12.15
CA SER A 167 -9.74 5.09 13.38
C SER A 167 -11.18 4.68 13.65
N PRO A 168 -11.64 4.81 14.89
CA PRO A 168 -13.07 4.63 15.15
C PRO A 168 -13.86 5.67 14.38
N MET A 169 -14.80 5.20 13.57
CA MET A 169 -15.52 6.08 12.66
C MET A 169 -16.97 6.20 13.12
N LEU A 170 -17.33 7.39 13.58
CA LEU A 170 -18.70 7.68 13.99
C LEU A 170 -19.41 8.28 12.79
N VAL A 171 -20.35 7.53 12.23
CA VAL A 171 -21.11 7.96 11.06
C VAL A 171 -22.45 8.46 11.58
N VAL A 172 -22.69 9.75 11.46
CA VAL A 172 -23.91 10.38 11.95
C VAL A 172 -24.76 10.75 10.75
N PHE A 173 -25.96 10.19 10.67
CA PHE A 173 -26.86 10.54 9.60
C PHE A 173 -27.77 11.68 10.05
N PRO A 174 -28.27 12.51 9.11
CA PRO A 174 -27.98 12.47 7.68
C PRO A 174 -26.64 13.12 7.34
N VAL A 175 -26.01 12.65 6.26
CA VAL A 175 -24.89 13.35 5.64
C VAL A 175 -25.43 13.92 4.34
N THR A 176 -25.53 15.25 4.28
CA THR A 176 -26.15 15.88 3.13
C THR A 176 -25.16 15.94 1.97
N ASP A 177 -25.67 15.68 0.78
CA ASP A 177 -24.87 15.80 -0.42
C ASP A 177 -24.87 17.26 -0.87
N PRO A 178 -23.73 17.95 -0.82
CA PRO A 178 -23.72 19.37 -1.23
C PRO A 178 -24.17 19.58 -2.67
N ILE A 179 -23.73 18.71 -3.59
CA ILE A 179 -24.14 18.84 -4.98
C ILE A 179 -25.66 18.70 -5.10
N SER A 180 -26.21 17.64 -4.52
CA SER A 180 -27.61 17.34 -4.69
C SER A 180 -28.53 17.98 -3.66
N GLY A 181 -28.00 18.45 -2.54
CA GLY A 181 -28.86 18.89 -1.46
C GLY A 181 -29.61 17.77 -0.78
N ASN A 182 -29.59 16.55 -1.32
CA ASN A 182 -30.25 15.41 -0.72
C ASN A 182 -29.35 14.81 0.37
N PRO A 183 -29.94 14.14 1.36
CA PRO A 183 -29.14 13.28 2.23
C PRO A 183 -28.51 12.18 1.39
N LEU A 184 -27.28 11.83 1.74
CA LEU A 184 -26.63 10.70 1.09
C LEU A 184 -27.32 9.40 1.46
N GLN A 185 -27.56 8.56 0.48
CA GLN A 185 -28.08 7.23 0.73
C GLN A 185 -26.97 6.19 0.82
N THR A 186 -25.76 6.53 0.39
CA THR A 186 -24.59 5.68 0.57
C THR A 186 -23.45 6.52 1.11
N ILE A 187 -22.82 6.03 2.17
CA ILE A 187 -21.64 6.64 2.75
C ILE A 187 -20.45 5.78 2.39
N HIS A 188 -19.45 6.39 1.77
CA HIS A 188 -18.23 5.69 1.39
C HIS A 188 -17.13 6.08 2.36
N LEU A 189 -16.52 5.08 2.99
CA LEU A 189 -15.44 5.26 3.94
C LEU A 189 -14.18 4.65 3.38
N TYR A 190 -13.05 5.31 3.62
CA TYR A 190 -11.76 4.88 3.09
C TYR A 190 -10.77 4.78 4.25
N PRO A 191 -10.89 3.75 5.07
CA PRO A 191 -9.99 3.62 6.23
C PRO A 191 -8.58 3.35 5.74
N LYS A 192 -7.62 3.94 6.44
CA LYS A 192 -6.25 4.00 5.97
C LYS A 192 -5.45 2.81 6.47
N ASN A 193 -4.80 2.11 5.52
CA ASN A 193 -3.80 1.12 5.81
C ASN A 193 -2.56 1.52 5.04
N VAL A 194 -1.40 1.49 5.70
CA VAL A 194 -0.16 1.99 5.11
C VAL A 194 0.80 0.82 4.93
N GLY A 195 1.24 0.62 3.69
CA GLY A 195 2.22 -0.40 3.37
C GLY A 195 3.57 0.24 3.10
N TYR A 196 4.60 -0.34 3.70
CA TYR A 196 5.96 0.15 3.54
C TYR A 196 6.59 -0.55 2.36
N VAL A 197 7.05 0.25 1.38
CA VAL A 197 7.73 -0.26 0.20
C VAL A 197 8.83 0.72 -0.14
N ARG A 198 9.81 0.23 -0.90
CA ARG A 198 10.89 1.07 -1.40
C ARG A 198 11.12 0.73 -2.87
N ASP A 199 11.95 1.53 -3.52
CA ASP A 199 12.02 1.52 -4.98
C ASP A 199 13.46 1.45 -5.46
N PRO A 200 14.03 0.25 -5.55
CA PRO A 200 15.43 0.14 -5.98
C PRO A 200 15.65 0.45 -7.44
N TYR A 201 16.83 0.99 -7.70
CA TYR A 201 17.30 1.21 -9.06
C TYR A 201 18.82 1.29 -8.96
N PHE A 202 19.48 1.20 -10.11
CA PHE A 202 20.91 1.49 -10.17
C PHE A 202 21.24 1.78 -11.63
N PHE A 203 22.49 2.16 -11.86
CA PHE A 203 22.95 2.43 -13.21
C PHE A 203 24.04 1.43 -13.56
N LYS A 204 23.94 0.86 -14.74
CA LYS A 204 24.93 -0.08 -15.25
C LYS A 204 25.91 0.68 -16.12
N PHE A 205 27.20 0.66 -15.74
CA PHE A 205 28.25 1.27 -16.53
C PHE A 205 29.21 0.20 -17.04
N GLY A 206 29.82 0.49 -18.18
CA GLY A 206 30.82 -0.39 -18.76
C GLY A 206 32.17 0.30 -18.74
N VAL A 207 33.21 -0.46 -18.40
CA VAL A 207 34.55 0.08 -18.28
C VAL A 207 35.43 -0.64 -19.28
N HIS A 208 36.00 0.11 -20.19
CA HIS A 208 36.93 -0.33 -21.24
C HIS A 208 38.31 -0.53 -20.60
N PRO A 209 39.14 -1.43 -21.14
CA PRO A 209 40.50 -1.56 -20.58
C PRO A 209 41.30 -0.28 -20.65
N ASP A 210 40.96 0.63 -21.57
CA ASP A 210 41.70 1.89 -21.63
C ASP A 210 41.20 2.89 -20.60
N GLY A 211 40.27 2.50 -19.74
CA GLY A 211 39.81 3.37 -18.69
C GLY A 211 38.60 4.19 -19.04
N THR A 212 38.26 4.29 -20.33
CA THR A 212 37.02 4.95 -20.70
C THR A 212 35.82 4.15 -20.19
N SER A 213 34.67 4.82 -20.13
CA SER A 213 33.52 4.17 -19.54
C SER A 213 32.25 4.85 -20.00
N LYS A 214 31.15 4.13 -19.86
CA LYS A 214 29.89 4.65 -20.39
C LYS A 214 28.73 3.94 -19.71
N ARG A 215 27.58 4.60 -19.77
CA ARG A 215 26.33 3.97 -19.41
C ARG A 215 26.00 2.88 -20.41
N LEU A 216 25.50 1.75 -19.90
CA LEU A 216 25.21 0.60 -20.74
C LEU A 216 23.72 0.44 -20.95
N ALA A 217 23.33 0.35 -22.21
CA ALA A 217 21.94 0.09 -22.61
C ALA A 217 21.77 -1.37 -22.96
N GLY A 218 20.64 -1.93 -22.57
CA GLY A 218 20.28 -3.25 -23.02
C GLY A 218 20.63 -4.39 -22.09
N ALA A 219 21.12 -4.10 -20.88
CA ALA A 219 21.32 -5.18 -19.92
C ALA A 219 19.96 -5.64 -19.43
N ILE A 220 19.76 -6.95 -19.37
CA ILE A 220 18.48 -7.50 -18.93
C ILE A 220 18.67 -8.14 -17.58
N PHE A 221 17.91 -7.66 -16.60
CA PHE A 221 17.96 -8.16 -15.24
C PHE A 221 16.61 -8.74 -14.86
N ALA A 222 16.64 -9.63 -13.87
CA ALA A 222 15.44 -9.98 -13.13
C ALA A 222 15.74 -9.75 -11.67
N ILE A 223 14.73 -9.91 -10.82
CA ILE A 223 14.91 -9.78 -9.39
C ILE A 223 14.55 -11.10 -8.75
N TYR A 224 15.43 -11.61 -7.90
CA TYR A 224 15.06 -12.78 -7.11
C TYR A 224 15.30 -12.53 -5.64
N ARG A 225 14.67 -13.36 -4.83
CA ARG A 225 14.96 -13.42 -3.41
C ARG A 225 15.20 -14.88 -3.06
N ILE A 226 15.83 -15.09 -1.91
CA ILE A 226 16.17 -16.43 -1.45
C ILE A 226 15.15 -16.87 -0.41
N GLU A 227 14.59 -18.07 -0.61
CA GLU A 227 13.67 -18.67 0.33
C GLU A 227 13.98 -20.15 0.38
N ASN A 228 14.29 -20.66 1.57
CA ASN A 228 14.60 -22.07 1.79
C ASN A 228 15.72 -22.54 0.85
N GLY A 229 16.73 -21.68 0.69
CA GLY A 229 17.89 -22.03 -0.12
C GLY A 229 17.67 -22.06 -1.61
N LYS A 230 16.54 -21.55 -2.11
CA LYS A 230 16.27 -21.52 -3.53
C LYS A 230 15.85 -20.12 -3.95
N LYS A 231 15.99 -19.86 -5.25
CA LYS A 231 15.62 -18.56 -5.81
C LYS A 231 14.15 -18.52 -6.16
N LEU A 232 13.50 -17.42 -5.77
CA LEU A 232 12.17 -17.07 -6.24
C LEU A 232 12.27 -15.74 -6.98
N TYR A 233 11.69 -15.67 -8.17
CA TYR A 233 11.81 -14.48 -9.00
C TYR A 233 10.55 -13.63 -8.91
N LEU A 234 10.75 -12.32 -8.94
CA LEU A 234 9.63 -11.39 -8.93
C LEU A 234 8.83 -11.57 -10.20
N ASP A 235 7.54 -11.88 -10.04
CA ASP A 235 6.77 -12.24 -11.22
C ASP A 235 5.97 -11.04 -11.72
N MET A 236 5.20 -11.26 -12.79
CA MET A 236 4.44 -10.21 -13.44
C MET A 236 3.01 -10.10 -12.94
N SER A 237 2.66 -10.85 -11.90
CA SER A 237 1.30 -10.81 -11.38
C SER A 237 0.97 -9.42 -10.86
N PRO A 238 -0.27 -8.98 -10.99
CA PRO A 238 -0.66 -7.69 -10.39
C PRO A 238 -0.42 -7.71 -8.89
N VAL A 239 -0.09 -6.54 -8.35
CA VAL A 239 0.09 -6.41 -6.92
C VAL A 239 -1.26 -6.52 -6.24
N THR A 240 -1.34 -7.38 -5.21
CA THR A 240 -2.52 -7.47 -4.36
C THR A 240 -2.09 -7.27 -2.91
N ASP A 241 -2.90 -6.52 -2.17
CA ASP A 241 -2.49 -5.99 -0.86
C ASP A 241 -1.22 -5.19 -1.10
N LEU A 242 -0.22 -5.28 -0.22
CA LEU A 242 1.09 -4.72 -0.51
C LEU A 242 2.02 -5.74 -1.16
N ARG A 243 1.52 -6.93 -1.48
CA ARG A 243 2.36 -8.09 -1.73
C ARG A 243 2.67 -8.25 -3.21
N ASN A 244 3.94 -8.45 -3.51
CA ASN A 244 4.33 -8.98 -4.81
C ASN A 244 4.22 -10.50 -4.81
N LYS A 245 4.20 -11.07 -6.00
CA LYS A 245 4.22 -12.51 -6.16
C LYS A 245 5.56 -12.95 -6.73
N TRP A 246 5.97 -14.13 -6.29
CA TRP A 246 7.30 -14.66 -6.57
C TRP A 246 7.14 -16.07 -7.12
N VAL A 247 7.95 -16.41 -8.12
CA VAL A 247 7.79 -17.67 -8.81
C VAL A 247 9.12 -18.40 -8.88
N SER A 248 9.04 -19.72 -8.80
CA SER A 248 10.14 -20.59 -9.18
C SER A 248 10.15 -20.73 -10.69
N THR A 249 11.34 -20.67 -11.29
CA THR A 249 11.40 -20.71 -12.74
C THR A 249 12.58 -21.56 -13.18
N THR A 250 12.43 -22.13 -14.37
CA THR A 250 13.46 -22.94 -14.97
C THR A 250 14.33 -22.15 -15.93
N ASP A 251 13.97 -20.91 -16.18
CA ASP A 251 14.52 -20.16 -17.30
C ASP A 251 14.04 -18.73 -17.14
N PRO A 252 14.58 -17.97 -16.19
CA PRO A 252 14.00 -16.65 -15.91
C PRO A 252 14.02 -15.72 -17.11
N LEU A 253 15.01 -15.84 -18.00
CA LEU A 253 15.09 -14.89 -19.09
C LEU A 253 13.92 -15.01 -20.05
N HIS A 254 13.53 -16.23 -20.39
CA HIS A 254 12.48 -16.43 -21.38
C HIS A 254 11.14 -16.78 -20.77
N ASP A 255 11.08 -16.90 -19.43
CA ASP A 255 9.85 -17.17 -18.72
C ASP A 255 9.06 -15.87 -18.61
N ASP A 256 7.92 -15.79 -19.30
CA ASP A 256 7.13 -14.57 -19.30
C ASP A 256 6.60 -14.21 -17.92
N ARG A 257 6.59 -15.17 -17.00
CA ARG A 257 6.14 -14.86 -15.66
C ARG A 257 7.13 -13.98 -14.92
N VAL A 258 8.40 -14.00 -15.29
CA VAL A 258 9.45 -13.32 -14.55
C VAL A 258 9.62 -11.91 -15.11
N ASN A 259 9.43 -10.92 -14.25
CA ASN A 259 9.58 -9.52 -14.64
C ASN A 259 11.04 -9.26 -15.01
N LYS A 260 11.26 -8.74 -16.20
CA LYS A 260 12.58 -8.32 -16.57
C LYS A 260 12.69 -6.81 -16.51
N PHE A 261 13.88 -6.36 -16.13
CA PHE A 261 14.22 -4.95 -16.02
C PHE A 261 15.40 -4.73 -16.94
N VAL A 262 15.25 -3.82 -17.89
CA VAL A 262 16.20 -3.60 -18.95
C VAL A 262 16.88 -2.26 -18.76
N SER A 263 18.21 -2.25 -18.81
CA SER A 263 18.92 -0.98 -18.66
C SER A 263 18.63 -0.11 -19.89
N ASP A 264 18.33 1.16 -19.63
CA ASP A 264 17.91 2.02 -20.72
C ASP A 264 19.10 2.80 -21.27
N GLN A 265 18.83 3.81 -22.08
CA GLN A 265 19.94 4.52 -22.71
C GLN A 265 20.73 5.36 -21.73
N ASP A 266 20.21 5.58 -20.53
CA ASP A 266 20.98 6.22 -19.47
C ASP A 266 21.63 5.20 -18.55
N GLY A 267 21.58 3.92 -18.92
CA GLY A 267 22.12 2.89 -18.06
C GLY A 267 21.22 2.54 -16.89
N LEU A 268 20.03 3.12 -16.80
CA LEU A 268 19.21 2.97 -15.63
C LEU A 268 18.53 1.61 -15.65
N VAL A 269 18.68 0.87 -14.56
CA VAL A 269 17.93 -0.35 -14.30
C VAL A 269 17.01 0.00 -13.14
N ASN A 270 15.72 0.11 -13.42
CA ASN A 270 14.80 0.72 -12.48
C ASN A 270 13.67 -0.26 -12.23
N THR A 271 13.36 -0.49 -10.95
CA THR A 271 12.15 -1.27 -10.65
C THR A 271 10.91 -0.56 -11.20
N GLY A 272 10.97 0.77 -11.30
CA GLY A 272 9.88 1.52 -11.93
C GLY A 272 8.61 1.40 -11.12
N GLU A 273 7.53 0.99 -11.78
CA GLU A 273 6.28 0.81 -11.05
C GLU A 273 6.38 -0.29 -10.01
N ARG A 274 7.31 -1.23 -10.18
CA ARG A 274 7.47 -2.26 -9.17
C ARG A 274 8.17 -1.70 -7.94
N PHE A 275 7.76 -2.19 -6.79
CA PHE A 275 8.35 -1.81 -5.52
C PHE A 275 8.69 -3.07 -4.76
N LEU A 276 9.48 -2.91 -3.71
CA LEU A 276 9.76 -4.05 -2.84
C LEU A 276 9.66 -3.63 -1.38
N PRO A 277 9.20 -4.53 -0.53
CA PRO A 277 9.18 -4.27 0.91
C PRO A 277 10.56 -4.53 1.50
N ALA A 278 10.64 -4.41 2.82
CA ALA A 278 11.91 -4.62 3.50
C ALA A 278 12.46 -6.01 3.20
N GLY A 279 13.77 -6.10 3.14
CA GLY A 279 14.42 -7.38 3.02
C GLY A 279 15.56 -7.31 2.03
N GLU A 280 16.08 -8.49 1.73
CA GLU A 280 17.24 -8.67 0.88
C GLU A 280 16.81 -9.28 -0.44
N TYR A 281 17.28 -8.73 -1.55
CA TYR A 281 16.93 -9.21 -2.88
C TYR A 281 18.16 -9.10 -3.76
N PHE A 282 18.04 -9.59 -4.98
CA PHE A 282 19.14 -9.50 -5.93
C PHE A 282 18.63 -9.15 -7.31
N PHE A 283 19.28 -8.16 -7.93
CA PHE A 283 19.18 -7.97 -9.37
C PHE A 283 20.12 -8.96 -10.02
N GLU A 284 19.58 -9.87 -10.80
CA GLU A 284 20.39 -10.89 -11.45
C GLU A 284 20.50 -10.55 -12.93
N GLU A 285 21.73 -10.47 -13.43
CA GLU A 285 21.89 -10.15 -14.84
C GLU A 285 21.63 -11.42 -15.64
N LEU A 286 20.61 -11.37 -16.48
CA LEU A 286 20.22 -12.49 -17.31
C LEU A 286 20.79 -12.40 -18.72
N GLN A 287 20.97 -11.19 -19.22
CA GLN A 287 21.65 -10.98 -20.49
C GLN A 287 22.52 -9.75 -20.33
N GLY A 288 23.82 -9.96 -20.34
CA GLY A 288 24.73 -8.85 -20.24
C GLY A 288 24.75 -8.04 -21.53
N VAL A 289 25.27 -6.82 -21.40
CA VAL A 289 25.47 -5.97 -22.57
C VAL A 289 26.61 -6.53 -23.41
N PRO A 290 26.47 -6.60 -24.74
CA PRO A 290 27.55 -7.15 -25.56
C PRO A 290 28.85 -6.42 -25.30
N GLY A 291 29.88 -7.20 -24.98
CA GLY A 291 31.17 -6.66 -24.65
C GLY A 291 31.38 -6.45 -23.17
N TYR A 292 30.33 -6.58 -22.38
CA TYR A 292 30.43 -6.40 -20.94
C TYR A 292 29.72 -7.52 -20.21
N GLU A 293 29.80 -8.73 -20.76
CA GLU A 293 29.12 -9.89 -20.22
C GLU A 293 29.79 -10.36 -18.93
N ALA A 296 32.33 -17.45 -14.61
CA ALA A 296 31.60 -16.24 -14.26
C ALA A 296 30.09 -16.50 -14.28
N LYS A 297 29.55 -16.89 -13.14
CA LYS A 297 28.11 -17.05 -13.01
C LYS A 297 27.43 -15.67 -13.07
N SER A 298 26.16 -15.70 -13.47
CA SER A 298 25.40 -14.47 -13.69
C SER A 298 25.52 -13.51 -12.50
N ARG A 299 26.03 -12.31 -12.77
CA ARG A 299 26.25 -11.35 -11.69
C ARG A 299 24.95 -11.07 -10.97
N ALA A 300 25.00 -11.11 -9.63
CA ALA A 300 23.88 -10.78 -8.79
C ALA A 300 24.23 -9.53 -7.99
N ILE A 301 23.46 -8.48 -8.18
CA ILE A 301 23.65 -7.21 -7.50
C ILE A 301 22.71 -7.20 -6.31
N LYS A 302 23.27 -7.06 -5.11
CA LYS A 302 22.48 -7.17 -3.90
C LYS A 302 21.65 -5.91 -3.68
N ILE A 303 20.40 -6.12 -3.26
CA ILE A 303 19.49 -5.05 -2.84
C ILE A 303 19.19 -5.29 -1.37
N GLU A 304 19.53 -4.31 -0.54
CA GLU A 304 19.23 -4.39 0.89
C GLU A 304 18.26 -3.26 1.20
N ILE A 305 17.05 -3.63 1.60
CA ILE A 305 15.99 -2.67 1.84
C ILE A 305 15.74 -2.63 3.35
N PRO A 306 16.04 -1.51 4.02
CA PRO A 306 15.75 -1.39 5.45
C PRO A 306 14.25 -1.33 5.66
N ASP A 307 13.83 -1.68 6.87
CA ASP A 307 12.39 -1.79 7.13
C ASP A 307 11.74 -0.47 7.51
N SER A 308 12.47 0.63 7.44
CA SER A 308 11.88 1.93 7.69
C SER A 308 12.64 2.98 6.90
N TRP A 309 11.96 4.09 6.64
CA TRP A 309 12.61 5.23 6.01
C TRP A 309 13.64 5.87 6.93
N GLU A 310 13.35 5.93 8.23
CA GLU A 310 14.17 6.66 9.18
C GLU A 310 14.57 5.75 10.33
N ASP A 311 15.75 6.03 10.90
CA ASP A 311 16.21 5.36 12.10
C ASP A 311 15.64 6.05 13.33
N GLU A 312 16.16 5.67 14.51
CA GLU A 312 15.67 6.21 15.78
C GLU A 312 15.79 7.72 15.82
N ASP A 313 16.78 8.29 15.13
CA ASP A 313 17.10 9.70 15.21
C ASP A 313 16.61 10.50 14.03
N GLY A 314 15.70 9.94 13.22
CA GLY A 314 15.18 10.64 12.07
C GLY A 314 16.08 10.66 10.86
N ASN A 315 17.23 10.00 10.90
CA ASN A 315 18.12 9.96 9.75
C ASN A 315 17.58 9.00 8.70
N ARG A 316 17.82 9.32 7.44
CA ARG A 316 17.37 8.45 6.37
C ARG A 316 18.12 7.12 6.42
N ARG A 317 17.37 6.03 6.29
CA ARG A 317 17.96 4.70 6.08
C ARG A 317 17.88 4.39 4.59
N PHE A 318 19.03 4.13 3.99
CA PHE A 318 19.11 3.94 2.55
C PHE A 318 18.89 2.50 2.13
N VAL A 319 18.23 2.33 0.99
CA VAL A 319 18.40 1.09 0.24
C VAL A 319 19.86 1.02 -0.16
N LEU A 320 20.44 -0.17 -0.07
CA LEU A 320 21.82 -0.39 -0.48
C LEU A 320 21.83 -1.24 -1.74
N ILE A 321 22.56 -0.79 -2.75
CA ILE A 321 22.76 -1.53 -3.99
C ILE A 321 24.21 -1.98 -3.98
N ASP A 322 24.43 -3.28 -3.82
CA ASP A 322 25.78 -3.81 -3.64
C ASP A 322 26.55 -3.01 -2.59
N GLY A 323 25.87 -2.70 -1.49
CA GLY A 323 26.44 -1.98 -0.38
C GLY A 323 26.48 -0.49 -0.55
N GLN A 324 26.11 0.05 -1.73
CA GLN A 324 26.15 1.48 -2.00
C GLN A 324 24.82 2.12 -1.62
N PRO A 325 24.83 3.21 -0.84
CA PRO A 325 23.58 3.92 -0.57
C PRO A 325 22.97 4.49 -1.84
N MET A 326 21.66 4.29 -1.97
CA MET A 326 20.90 4.65 -3.15
C MET A 326 20.00 5.82 -2.80
N GLN A 327 20.22 6.96 -3.46
CA GLN A 327 19.35 8.09 -3.17
C GLN A 327 17.93 7.75 -3.58
N GLU A 328 16.97 8.31 -2.86
CA GLU A 328 15.59 7.91 -3.08
C GLU A 328 14.68 8.99 -2.55
N ASN A 329 13.58 9.21 -3.26
CA ASN A 329 12.52 10.10 -2.81
C ASN A 329 11.31 9.28 -2.40
N PHE A 330 10.52 9.83 -1.47
CA PHE A 330 9.19 9.28 -1.23
C PHE A 330 8.45 9.19 -2.55
N GLY A 331 7.78 8.06 -2.76
CA GLY A 331 7.11 7.80 -4.01
C GLY A 331 7.93 7.01 -5.00
N GLY A 332 9.25 6.98 -4.83
CA GLY A 332 10.11 6.07 -5.57
C GLY A 332 10.41 6.43 -7.00
N VAL A 333 9.99 7.60 -7.47
CA VAL A 333 10.24 7.94 -8.86
C VAL A 333 11.69 8.36 -9.01
N VAL A 334 12.36 7.80 -10.00
CA VAL A 334 13.74 8.16 -10.30
C VAL A 334 13.69 9.42 -11.16
N THR A 335 14.21 10.51 -10.63
CA THR A 335 14.04 11.83 -11.23
C THR A 335 15.10 12.08 -12.29
N PRO A 336 14.91 13.12 -13.12
CA PRO A 336 15.96 13.49 -14.07
C PRO A 336 17.27 13.79 -13.39
N GLU A 337 17.22 14.40 -12.20
CA GLU A 337 18.45 14.69 -11.47
C GLU A 337 19.13 13.40 -11.02
N MET A 338 18.35 12.40 -10.60
CA MET A 338 18.94 11.12 -10.25
C MET A 338 19.57 10.46 -11.46
N ILE A 339 18.92 10.57 -12.62
CA ILE A 339 19.46 9.98 -13.83
C ILE A 339 20.76 10.66 -14.20
N SER A 340 20.80 11.98 -14.11
CA SER A 340 22.04 12.71 -14.40
C SER A 340 23.15 12.27 -13.45
N SER A 341 22.83 12.12 -12.18
CA SER A 341 23.83 11.70 -11.19
C SER A 341 24.41 10.35 -11.57
N GLY A 342 23.56 9.43 -12.02
CA GLY A 342 24.05 8.15 -12.47
C GLY A 342 24.55 7.26 -11.37
N TYR A 343 24.09 7.46 -10.14
CA TYR A 343 24.49 6.66 -8.99
C TYR A 343 23.26 6.05 -8.34
N PRO A 344 23.39 4.89 -7.70
CA PRO A 344 24.63 4.10 -7.60
C PRO A 344 24.96 3.43 -8.92
N ARG A 345 26.23 3.25 -9.22
CA ARG A 345 26.56 2.56 -10.46
C ARG A 345 27.34 1.30 -10.18
N VAL A 346 27.01 0.29 -10.96
CA VAL A 346 27.69 -0.99 -10.97
C VAL A 346 28.55 -1.04 -12.23
N TYR A 347 29.82 -1.34 -12.06
CA TYR A 347 30.79 -1.32 -13.15
C TYR A 347 30.97 -2.71 -13.71
N ASN A 348 30.74 -2.83 -15.02
CA ASN A 348 30.97 -4.07 -15.76
C ASN A 348 32.21 -3.88 -16.62
N TYR A 349 33.16 -4.79 -16.48
CA TYR A 349 34.44 -4.66 -17.18
C TYR A 349 34.41 -5.39 -18.51
N ALA A 350 34.83 -4.68 -19.56
CA ALA A 350 35.00 -5.33 -20.86
C ALA A 350 36.21 -6.24 -20.86
N ASP A 351 37.29 -5.83 -20.19
CA ASP A 351 38.52 -6.61 -20.18
C ASP A 351 38.31 -7.81 -19.26
N LYS A 352 38.07 -8.98 -19.85
CA LYS A 352 37.96 -10.19 -19.05
C LYS A 352 39.33 -10.62 -18.56
N GLN A 353 39.40 -10.91 -17.26
CA GLN A 353 40.64 -11.34 -16.65
C GLN A 353 40.42 -12.59 -15.81
NA NA B . 10.20 1.13 -8.31
NA NA C . 28.26 4.21 -7.25
NA NA D . -7.30 8.46 14.87
#